data_6TFF
#
_entry.id   6TFF
#
_cell.length_a   57.880
_cell.length_b   59.844
_cell.length_c   192.026
_cell.angle_alpha   90.000
_cell.angle_beta   90.000
_cell.angle_gamma   90.000
#
_symmetry.space_group_name_H-M   'I 2 2 2'
#
loop_
_entity.id
_entity.type
_entity.pdbx_description
1 polymer 'Chains: A'
2 non-polymer 'MAGNESIUM ION'
3 non-polymer 'SODIUM ION'
4 non-polymer 'BROMIDE ION'
5 non-polymer NICOTINAMIDE-ADENINE-DINUCLEOTIDE
6 water water
#
_entity_poly.entity_id   1
_entity_poly.type   'polyribonucleotide'
_entity_poly.pdbx_seq_one_letter_code
;GGCUUCAACAACCCCGUAGGUUGGGCCGAAAGGCAGCGAAUCUACUGGAGCC
;
_entity_poly.pdbx_strand_id   A
#
loop_
_chem_comp.id
_chem_comp.type
_chem_comp.name
_chem_comp.formula
A RNA linking ADENOSINE-5'-MONOPHOSPHATE 'C10 H14 N5 O7 P'
BR non-polymer 'BROMIDE ION' 'Br -1'
C RNA linking CYTIDINE-5'-MONOPHOSPHATE 'C9 H14 N3 O8 P'
G RNA linking GUANOSINE-5'-MONOPHOSPHATE 'C10 H14 N5 O8 P'
MG non-polymer 'MAGNESIUM ION' 'Mg 2'
NA non-polymer 'SODIUM ION' 'Na 1'
NAD non-polymer NICOTINAMIDE-ADENINE-DINUCLEOTIDE 'C21 H27 N7 O14 P2'
U RNA linking URIDINE-5'-MONOPHOSPHATE 'C9 H13 N2 O9 P'
#
# COMPACT_ATOMS: atom_id res chain seq x y z
MG MG B . -0.46 -0.02 -6.74
MG MG C . -3.87 -1.28 -2.85
MG MG D . 8.91 -6.15 -8.95
MG MG E . -0.33 -12.81 -16.99
MG MG F . 7.50 -3.72 9.01
NA NA G . 3.89 -5.97 -12.26
BR BR H . 9.71 -9.52 8.27
BR BR I . 3.25 -16.96 2.95
PA NAD J . -4.49 0.72 -0.22
O1A NAD J . -5.20 0.04 0.85
O2A NAD J . -4.10 -0.43 -1.04
O5B NAD J . -3.13 1.53 0.28
C5B NAD J . -2.99 1.91 1.63
C4B NAD J . -1.80 1.20 2.21
O4B NAD J . -0.58 1.40 1.36
C3B NAD J . -1.45 1.76 3.53
O3B NAD J . -2.23 1.10 4.57
C2B NAD J . -0.03 1.44 3.69
O2B NAD J . 0.07 0.09 4.21
C1B NAD J . 0.55 1.46 2.34
N9A NAD J . 1.34 2.64 2.13
C8A NAD J . 0.80 3.80 1.85
N7A NAD J . 1.85 4.56 1.71
C5A NAD J . 3.17 3.99 1.88
C6A NAD J . 4.56 4.19 1.87
N6A NAD J . 5.16 5.49 1.60
N1A NAD J . 5.33 3.09 2.13
C2A NAD J . 4.83 1.87 2.39
N3A NAD J . 3.54 1.64 2.40
C4A NAD J . 2.74 2.63 2.16
O3 NAD J . -5.49 1.78 -1.00
PN NAD J . -5.68 1.85 -2.63
O1N NAD J . -4.84 2.93 -3.14
O2N NAD J . -5.04 0.71 -3.32
O5D NAD J . -7.28 2.03 -3.05
C5D NAD J . -8.22 1.01 -2.83
#